data_1R9L
#
_entry.id   1R9L
#
_cell.length_a   47.430
_cell.length_b   53.900
_cell.length_c   115.200
_cell.angle_alpha   90.00
_cell.angle_beta   90.00
_cell.angle_gamma   90.00
#
_symmetry.space_group_name_H-M   'P 21 21 21'
#
loop_
_entity.id
_entity.type
_entity.pdbx_description
1 polymer 'Glycine betaine-binding periplasmic protein'
2 non-polymer 'UNKNOWN ATOM OR ION'
3 non-polymer 'TRIMETHYL GLYCINE'
4 water water
#
_entity_poly.entity_id   1
_entity_poly.type   'polypeptide(L)'
_entity_poly.pdbx_seq_one_letter_code
;ADLPGKGITVNPVQSTITEETFQTLLVSRALEKLGYTVNKPSEVDYNVGYTSLASGDATFTAVNWTPLHDNMYEAAGGDK
KFYREGVFVNGAAQGYLIDKKTADQYKITNIAQLKDPKIAKLFDTNGDGKADLTGCNPGWGCEGAINHQLAAYELTNTVT
HNQGNYAAMMADTISRYKEGKPVFYYTWTPYWVSNELKPGKDVVWLQVPFSALPGDKNADTKLPNGANYGFPVSTMHIVA
NKAWAEKNPAAAKLFAIMQLPVADINAQNAIMHDGKASEGDIQGHVDGWIKAHQQQFDGWVNEALAAQK
;
_entity_poly.pdbx_strand_id   A
#
loop_
_chem_comp.id
_chem_comp.type
_chem_comp.name
_chem_comp.formula
BET non-polymer 'TRIMETHYL GLYCINE' 'C5 H12 N O2 1'
UNX non-polymer 'UNKNOWN ATOM OR ION' ?
#
# COMPACT_ATOMS: atom_id res chain seq x y z
N ALA A 1 -7.56 -15.08 -34.76
CA ALA A 1 -8.65 -14.09 -34.93
C ALA A 1 -9.18 -13.58 -33.57
N ASP A 2 -9.94 -14.42 -32.85
CA ASP A 2 -10.52 -14.00 -31.57
C ASP A 2 -9.42 -13.84 -30.52
N LEU A 3 -9.50 -12.75 -29.78
CA LEU A 3 -8.66 -12.52 -28.61
C LEU A 3 -8.89 -13.59 -27.53
N PRO A 4 -7.84 -13.91 -26.78
CA PRO A 4 -7.90 -15.05 -25.87
C PRO A 4 -8.93 -14.93 -24.74
N GLY A 5 -9.25 -13.70 -24.35
CA GLY A 5 -10.16 -13.46 -23.24
C GLY A 5 -11.64 -13.38 -23.62
N LYS A 6 -11.95 -13.58 -24.89
CA LYS A 6 -13.33 -13.43 -25.35
C LYS A 6 -14.30 -14.28 -24.54
N GLY A 7 -15.32 -13.63 -23.99
CA GLY A 7 -16.36 -14.30 -23.24
C GLY A 7 -16.03 -14.70 -21.82
N ILE A 8 -14.84 -14.30 -21.32
CA ILE A 8 -14.41 -14.64 -19.99
C ILE A 8 -14.48 -13.38 -19.15
N THR A 9 -15.23 -13.44 -18.07
CA THR A 9 -15.42 -12.31 -17.17
C THR A 9 -14.37 -12.35 -16.06
N VAL A 10 -13.75 -11.21 -15.82
CA VAL A 10 -12.74 -11.05 -14.79
C VAL A 10 -13.34 -10.20 -13.67
N ASN A 11 -13.08 -10.60 -12.43
CA ASN A 11 -13.50 -9.89 -11.23
C ASN A 11 -12.29 -9.38 -10.45
N PRO A 12 -11.91 -8.11 -10.65
CA PRO A 12 -10.84 -7.53 -9.84
C PRO A 12 -11.28 -7.34 -8.40
N VAL A 13 -10.34 -7.44 -7.47
CA VAL A 13 -10.56 -6.99 -6.09
C VAL A 13 -9.49 -5.98 -5.71
N GLN A 14 -9.90 -5.04 -4.87
CA GLN A 14 -9.03 -4.10 -4.19
C GLN A 14 -9.68 -3.82 -2.85
N SER A 15 -9.08 -2.96 -2.05
CA SER A 15 -9.74 -2.48 -0.83
C SER A 15 -10.64 -1.30 -1.14
N THR A 16 -11.27 -0.75 -0.10
CA THR A 16 -12.04 0.48 -0.29
C THR A 16 -11.18 1.73 -0.27
N ILE A 17 -9.86 1.55 -0.27
CA ILE A 17 -8.96 2.65 -0.50
C ILE A 17 -9.03 3.01 -1.97
N THR A 18 -9.69 4.11 -2.32
CA THR A 18 -9.90 4.45 -3.72
C THR A 18 -8.60 4.89 -4.38
N GLU A 19 -7.57 5.18 -3.59
CA GLU A 19 -6.22 5.42 -4.10
C GLU A 19 -5.60 4.19 -4.74
N GLU A 20 -6.23 3.03 -4.57
CA GLU A 20 -5.86 1.78 -5.24
C GLU A 20 -6.56 1.56 -6.58
N THR A 21 -7.58 2.35 -6.88
CA THR A 21 -8.36 2.11 -8.08
C THR A 21 -7.58 2.31 -9.38
N PHE A 22 -6.77 3.36 -9.44
CA PHE A 22 -5.95 3.66 -10.61
C PHE A 22 -5.14 2.44 -11.03
N GLN A 23 -4.34 1.86 -10.14
CA GLN A 23 -3.46 0.77 -10.58
C GLN A 23 -4.28 -0.46 -10.94
N THR A 24 -5.40 -0.64 -10.25
CA THR A 24 -6.27 -1.77 -10.50
C THR A 24 -6.88 -1.68 -11.88
N LEU A 25 -7.40 -0.50 -12.21
CA LEU A 25 -8.00 -0.27 -13.51
C LEU A 25 -7.01 -0.31 -14.64
N LEU A 26 -5.72 -0.01 -14.38
CA LEU A 26 -4.71 -0.15 -15.40
C LEU A 26 -4.60 -1.62 -15.83
N VAL A 27 -4.60 -2.53 -14.87
CA VAL A 27 -4.61 -3.96 -15.19
C VAL A 27 -5.91 -4.32 -15.93
N SER A 28 -7.03 -3.78 -15.48
CA SER A 28 -8.29 -4.05 -16.17
C SER A 28 -8.22 -3.62 -17.63
N ARG A 29 -7.64 -2.45 -17.93
CA ARG A 29 -7.54 -1.98 -19.32
C ARG A 29 -6.70 -2.93 -20.17
N ALA A 30 -5.58 -3.38 -19.63
CA ALA A 30 -4.73 -4.29 -20.36
C ALA A 30 -5.44 -5.62 -20.60
N LEU A 31 -6.19 -6.07 -19.61
CA LEU A 31 -6.96 -7.31 -19.76
C LEU A 31 -8.04 -7.13 -20.84
N GLU A 32 -8.63 -5.96 -20.89
CA GLU A 32 -9.61 -5.68 -21.97
C GLU A 32 -8.96 -5.80 -23.36
N LYS A 33 -7.68 -5.44 -23.48
CA LYS A 33 -6.99 -5.53 -24.76
C LYS A 33 -6.66 -6.98 -25.09
N LEU A 34 -6.71 -7.85 -24.10
CA LEU A 34 -6.59 -9.28 -24.31
C LEU A 34 -7.94 -9.93 -24.58
N GLY A 35 -9.00 -9.12 -24.59
CA GLY A 35 -10.35 -9.59 -24.93
C GLY A 35 -11.29 -9.92 -23.78
N TYR A 36 -10.79 -9.82 -22.54
CA TYR A 36 -11.58 -10.14 -21.35
C TYR A 36 -12.69 -9.09 -21.12
N THR A 37 -13.80 -9.58 -20.57
CA THR A 37 -14.83 -8.71 -20.01
C THR A 37 -14.45 -8.50 -18.56
N VAL A 38 -14.14 -7.28 -18.19
CA VAL A 38 -13.65 -7.04 -16.84
C VAL A 38 -14.71 -6.23 -16.08
N ASN A 39 -15.20 -6.83 -15.01
CA ASN A 39 -16.14 -6.18 -14.10
C ASN A 39 -15.45 -5.08 -13.32
N LYS A 40 -16.26 -4.16 -12.82
CA LYS A 40 -15.76 -3.12 -11.92
C LYS A 40 -15.13 -3.80 -10.70
N PRO A 41 -14.06 -3.24 -10.15
CA PRO A 41 -13.45 -3.88 -8.99
C PRO A 41 -14.39 -3.98 -7.82
N SER A 42 -14.29 -5.09 -7.11
CA SER A 42 -14.98 -5.25 -5.85
C SER A 42 -14.06 -4.71 -4.78
N GLU A 43 -14.59 -3.80 -3.98
CA GLU A 43 -13.83 -3.17 -2.91
C GLU A 43 -14.18 -3.86 -1.60
N VAL A 44 -13.23 -4.61 -1.09
CA VAL A 44 -13.45 -5.51 0.03
C VAL A 44 -12.32 -5.45 1.03
N ASP A 45 -12.61 -5.92 2.25
CA ASP A 45 -11.61 -6.17 3.26
C ASP A 45 -10.45 -6.98 2.66
N TYR A 46 -9.21 -6.64 2.99
CA TYR A 46 -8.08 -7.30 2.36
C TYR A 46 -8.15 -8.80 2.51
N ASN A 47 -8.41 -9.28 3.70
CA ASN A 47 -8.42 -10.73 3.89
C ASN A 47 -9.56 -11.41 3.15
N VAL A 48 -10.72 -10.79 3.13
CA VAL A 48 -11.84 -11.28 2.32
C VAL A 48 -11.40 -11.38 0.87
N GLY A 49 -10.67 -10.37 0.41
CA GLY A 49 -10.16 -10.42 -0.96
C GLY A 49 -9.26 -11.63 -1.19
N TYR A 50 -8.33 -11.88 -0.29
CA TYR A 50 -7.43 -13.02 -0.40
C TYR A 50 -8.20 -14.33 -0.37
N THR A 51 -9.17 -14.47 0.51
CA THR A 51 -9.92 -15.73 0.54
C THR A 51 -10.77 -15.89 -0.71
N SER A 52 -11.28 -14.79 -1.25
CA SER A 52 -12.05 -14.82 -2.49
C SER A 52 -11.15 -15.19 -3.68
N LEU A 53 -9.94 -14.65 -3.70
CA LEU A 53 -9.02 -14.96 -4.77
C LEU A 53 -8.66 -16.44 -4.72
N ALA A 54 -8.47 -16.95 -3.52
CA ALA A 54 -8.07 -18.34 -3.33
C ALA A 54 -9.18 -19.29 -3.77
N SER A 55 -10.44 -18.94 -3.49
CA SER A 55 -11.58 -19.77 -3.85
C SER A 55 -12.02 -19.59 -5.31
N GLY A 56 -11.54 -18.56 -5.98
CA GLY A 56 -11.94 -18.28 -7.34
C GLY A 56 -13.12 -17.34 -7.50
N ASP A 57 -13.68 -16.88 -6.40
CA ASP A 57 -14.75 -15.92 -6.46
C ASP A 57 -14.25 -14.58 -7.03
N ALA A 58 -12.95 -14.33 -6.89
CA ALA A 58 -12.32 -13.17 -7.50
C ALA A 58 -11.17 -13.65 -8.39
N THR A 59 -10.76 -12.78 -9.32
CA THR A 59 -9.77 -13.13 -10.33
C THR A 59 -8.35 -12.67 -9.97
N PHE A 60 -8.22 -11.37 -9.74
CA PHE A 60 -6.91 -10.80 -9.40
C PHE A 60 -7.05 -9.62 -8.44
N THR A 61 -5.97 -9.36 -7.75
CA THR A 61 -5.71 -8.09 -7.08
C THR A 61 -4.42 -7.50 -7.60
N ALA A 62 -4.35 -6.16 -7.60
CA ALA A 62 -3.14 -5.44 -7.99
C ALA A 62 -2.48 -4.77 -6.80
N VAL A 63 -2.92 -5.11 -5.61
CA VAL A 63 -2.48 -4.47 -4.36
C VAL A 63 -1.97 -5.45 -3.30
N ASN A 64 -1.36 -6.53 -3.76
CA ASN A 64 -0.69 -7.43 -2.86
C ASN A 64 0.62 -6.83 -2.33
N TRP A 65 0.61 -6.40 -1.07
CA TRP A 65 1.76 -5.72 -0.47
C TRP A 65 2.76 -6.70 0.13
N THR A 66 4.04 -6.47 -0.12
CA THR A 66 5.12 -7.08 0.67
C THR A 66 5.79 -5.96 1.43
N PRO A 67 6.07 -6.15 2.71
CA PRO A 67 5.76 -7.37 3.48
C PRO A 67 4.39 -7.39 4.14
N LEU A 68 3.60 -6.31 4.01
CA LEU A 68 2.42 -6.14 4.82
C LEU A 68 1.39 -7.22 4.69
N HIS A 69 1.26 -7.81 3.51
CA HIS A 69 0.25 -8.87 3.30
C HIS A 69 0.84 -10.28 3.33
N ASP A 70 2.12 -10.43 3.66
CA ASP A 70 2.77 -11.74 3.65
C ASP A 70 2.01 -12.74 4.50
N ASN A 71 1.65 -12.33 5.71
CA ASN A 71 0.97 -13.25 6.60
C ASN A 71 -0.41 -13.63 6.08
N MET A 72 -1.19 -12.68 5.54
CA MET A 72 -2.51 -12.96 4.97
C MET A 72 -2.42 -13.85 3.72
N TYR A 73 -1.42 -13.58 2.91
CA TYR A 73 -1.20 -14.33 1.68
C TYR A 73 -0.92 -15.79 2.01
N GLU A 74 -0.02 -16.03 2.95
CA GLU A 74 0.33 -17.40 3.32
C GLU A 74 -0.81 -18.08 4.00
N ALA A 75 -1.50 -17.39 4.89
CA ALA A 75 -2.60 -18.01 5.62
C ALA A 75 -3.74 -18.38 4.69
N ALA A 76 -3.90 -17.64 3.60
CA ALA A 76 -4.97 -17.90 2.64
C ALA A 76 -4.64 -19.01 1.62
N GLY A 77 -3.43 -19.53 1.68
CA GLY A 77 -3.01 -20.63 0.83
C GLY A 77 -1.65 -20.47 0.19
N GLY A 78 -1.16 -19.25 0.16
CA GLY A 78 0.14 -18.95 -0.41
C GLY A 78 0.28 -19.40 -1.86
N ASP A 79 1.49 -19.80 -2.21
CA ASP A 79 1.78 -20.22 -3.57
C ASP A 79 0.94 -21.43 -4.05
N LYS A 80 0.35 -22.19 -3.12
CA LYS A 80 -0.52 -23.31 -3.54
C LYS A 80 -1.87 -22.86 -4.07
N LYS A 81 -2.34 -21.69 -3.65
CA LYS A 81 -3.61 -21.15 -4.08
C LYS A 81 -3.52 -19.95 -5.02
N PHE A 82 -2.34 -19.32 -5.09
CA PHE A 82 -2.18 -18.06 -5.81
C PHE A 82 -1.08 -18.15 -6.87
N TYR A 83 -1.32 -17.44 -7.96
CA TYR A 83 -0.33 -17.11 -8.97
C TYR A 83 0.18 -15.73 -8.61
N ARG A 84 1.49 -15.57 -8.57
CA ARG A 84 2.12 -14.28 -8.27
C ARG A 84 3.49 -14.25 -8.91
N GLU A 85 3.63 -13.41 -9.92
CA GLU A 85 4.87 -13.26 -10.65
C GLU A 85 5.18 -11.78 -10.86
N GLY A 86 6.45 -11.44 -10.95
CA GLY A 86 6.87 -10.10 -11.21
C GLY A 86 6.68 -9.18 -10.03
N VAL A 87 6.85 -7.92 -10.31
CA VAL A 87 6.65 -6.86 -9.31
C VAL A 87 5.93 -5.70 -10.01
N PHE A 88 4.68 -5.45 -9.63
CA PHE A 88 3.88 -4.41 -10.26
C PHE A 88 4.34 -3.03 -9.83
N VAL A 89 4.54 -2.82 -8.53
CA VAL A 89 4.99 -1.55 -8.02
C VAL A 89 6.20 -1.77 -7.13
N ASN A 90 7.32 -1.20 -7.54
CA ASN A 90 8.52 -1.27 -6.72
C ASN A 90 8.70 0.05 -6.02
N GLY A 91 9.44 0.03 -4.93
CA GLY A 91 9.94 1.26 -4.32
C GLY A 91 8.93 1.97 -3.44
N ALA A 92 7.95 1.22 -2.96
CA ALA A 92 7.02 1.73 -1.98
C ALA A 92 7.77 1.85 -0.65
N ALA A 93 7.21 2.64 0.25
CA ALA A 93 7.84 2.89 1.54
C ALA A 93 6.79 3.00 2.62
N GLN A 94 7.25 2.87 3.84
CA GLN A 94 6.38 2.86 5.01
C GLN A 94 7.21 3.40 6.14
N GLY A 95 6.53 3.94 7.13
CA GLY A 95 7.19 4.28 8.37
C GLY A 95 6.42 5.24 9.24
N TYR A 96 7.11 5.69 10.29
CA TYR A 96 6.58 6.58 11.30
C TYR A 96 7.20 7.94 11.15
N LEU A 97 6.37 8.98 11.28
CA LEU A 97 6.86 10.34 11.17
C LEU A 97 6.34 11.20 12.29
N ILE A 98 7.12 12.25 12.58
CA ILE A 98 6.67 13.34 13.42
C ILE A 98 6.92 14.62 12.72
N ASP A 99 6.29 15.67 13.18
CA ASP A 99 6.61 16.99 12.63
C ASP A 99 8.07 17.38 12.87
N LYS A 100 8.63 18.03 11.87
CA LYS A 100 10.03 18.43 11.87
C LYS A 100 10.34 19.45 12.97
N LYS A 101 9.40 20.37 13.24
CA LYS A 101 9.58 21.35 14.28
C LYS A 101 9.89 20.69 15.61
N THR A 102 9.05 19.73 16.01
CA THR A 102 9.22 19.07 17.28
C THR A 102 10.47 18.17 17.24
N ALA A 103 10.65 17.45 16.14
CA ALA A 103 11.86 16.62 15.97
C ALA A 103 13.15 17.41 16.18
N ASP A 104 13.25 18.56 15.53
CA ASP A 104 14.44 19.41 15.64
C ASP A 104 14.58 20.02 17.05
N GLN A 105 13.48 20.42 17.64
CA GLN A 105 13.47 21.08 18.95
C GLN A 105 13.94 20.12 20.03
N TYR A 106 13.47 18.88 19.95
CA TYR A 106 13.76 17.91 20.99
C TYR A 106 14.76 16.82 20.58
N LYS A 107 15.35 16.97 19.40
CA LYS A 107 16.32 16.04 18.86
C LYS A 107 15.78 14.61 18.87
N ILE A 108 14.59 14.46 18.31
CA ILE A 108 13.94 13.16 18.22
C ILE A 108 14.22 12.56 16.86
N THR A 109 14.97 11.46 16.86
CA THR A 109 15.37 10.73 15.65
C THR A 109 14.86 9.31 15.61
N ASN A 110 14.41 8.78 16.75
CA ASN A 110 14.09 7.36 16.86
C ASN A 110 12.82 7.20 17.69
N ILE A 111 11.95 6.30 17.26
CA ILE A 111 10.72 6.06 17.95
C ILE A 111 10.99 5.57 19.38
N ALA A 112 12.15 5.00 19.64
CA ALA A 112 12.50 4.57 20.99
C ALA A 112 12.50 5.73 21.98
N GLN A 113 12.74 6.93 21.50
CA GLN A 113 12.72 8.08 22.38
C GLN A 113 11.34 8.34 22.98
N LEU A 114 10.28 7.79 22.37
CA LEU A 114 8.92 7.99 22.88
C LEU A 114 8.62 7.07 24.06
N LYS A 115 9.62 6.27 24.48
CA LYS A 115 9.55 5.59 25.77
C LYS A 115 9.66 6.55 26.94
N ASP A 116 10.21 7.73 26.70
CA ASP A 116 10.25 8.76 27.73
C ASP A 116 8.86 9.43 27.78
N PRO A 117 8.13 9.30 28.88
CA PRO A 117 6.78 9.90 28.92
C PRO A 117 6.77 11.41 28.64
N LYS A 118 7.85 12.13 28.93
CA LYS A 118 7.91 13.57 28.68
C LYS A 118 7.97 13.88 27.18
N ILE A 119 8.56 12.98 26.42
CA ILE A 119 8.57 13.10 24.95
C ILE A 119 7.23 12.64 24.37
N ALA A 120 6.73 11.51 24.84
CA ALA A 120 5.49 10.98 24.35
C ALA A 120 4.34 11.98 24.56
N LYS A 121 4.35 12.68 25.68
CA LYS A 121 3.29 13.60 26.00
C LYS A 121 3.19 14.72 24.98
N LEU A 122 4.28 15.07 24.30
CA LEU A 122 4.26 16.09 23.26
C LEU A 122 3.25 15.76 22.18
N PHE A 123 3.02 14.46 21.98
CA PHE A 123 2.15 13.96 20.94
C PHE A 123 0.80 13.48 21.43
N ASP A 124 0.47 13.78 22.67
CA ASP A 124 -0.79 13.39 23.28
C ASP A 124 -1.88 14.35 22.82
N THR A 125 -2.91 13.83 22.17
CA THR A 125 -4.03 14.66 21.70
C THR A 125 -5.30 14.48 22.52
N ASN A 126 -5.34 13.48 23.39
CA ASN A 126 -6.57 13.20 24.13
C ASN A 126 -6.46 13.32 25.64
N GLY A 127 -5.30 13.73 26.13
CA GLY A 127 -5.13 14.04 27.53
C GLY A 127 -4.74 12.89 28.42
N ASP A 128 -4.53 11.70 27.87
CA ASP A 128 -4.20 10.55 28.71
C ASP A 128 -2.69 10.35 28.94
N GLY A 129 -1.87 11.29 28.44
CA GLY A 129 -0.43 11.25 28.61
C GLY A 129 0.32 10.51 27.53
N LYS A 130 -0.36 9.58 26.86
CA LYS A 130 0.26 8.78 25.81
C LYS A 130 0.26 9.48 24.45
N ALA A 131 1.34 9.29 23.70
CA ALA A 131 1.41 9.76 22.33
C ALA A 131 0.33 9.12 21.52
N ASP A 132 -0.37 9.91 20.71
CA ASP A 132 -1.44 9.42 19.85
C ASP A 132 -0.92 9.23 18.41
N LEU A 133 -0.66 7.96 18.09
CA LEU A 133 -0.18 7.61 16.75
C LEU A 133 -1.36 7.41 15.83
N THR A 134 -1.43 8.19 14.76
CA THR A 134 -2.46 7.96 13.75
C THR A 134 -2.07 6.72 12.98
N GLY A 135 -2.86 5.68 13.11
CA GLY A 135 -2.53 4.39 12.53
C GLY A 135 -3.62 3.75 11.71
N CYS A 136 -3.52 2.43 11.63
CA CYS A 136 -4.10 1.71 10.53
C CYS A 136 -5.50 1.15 10.81
N ASN A 137 -6.34 1.12 9.80
CA ASN A 137 -7.69 0.55 9.93
C ASN A 137 -7.59 -0.92 10.32
N PRO A 138 -8.52 -1.41 11.14
CA PRO A 138 -8.54 -2.84 11.41
C PRO A 138 -8.59 -3.60 10.10
N GLY A 139 -7.74 -4.61 9.98
CA GLY A 139 -7.71 -5.42 8.78
C GLY A 139 -6.64 -5.05 7.78
N TRP A 140 -6.06 -3.87 7.91
CA TRP A 140 -4.93 -3.51 7.08
C TRP A 140 -3.71 -4.26 7.58
N GLY A 141 -2.81 -4.66 6.68
CA GLY A 141 -1.57 -5.33 7.10
C GLY A 141 -0.74 -4.46 8.02
N CYS A 142 -0.83 -3.15 7.84
CA CYS A 142 -0.06 -2.26 8.70
C CYS A 142 -0.56 -2.22 10.13
N GLU A 143 -1.79 -2.64 10.37
CA GLU A 143 -2.27 -2.79 11.73
C GLU A 143 -1.37 -3.77 12.49
N GLY A 144 -1.15 -4.93 11.91
CA GLY A 144 -0.35 -5.94 12.55
C GLY A 144 1.08 -5.53 12.73
N ALA A 145 1.64 -4.86 11.73
CA ALA A 145 3.02 -4.43 11.82
C ALA A 145 3.19 -3.41 12.97
N ILE A 146 2.34 -2.40 13.01
CA ILE A 146 2.44 -1.39 14.07
C ILE A 146 2.25 -2.02 15.44
N ASN A 147 1.22 -2.84 15.60
CA ASN A 147 0.99 -3.45 16.92
C ASN A 147 2.21 -4.28 17.33
N HIS A 148 2.78 -5.01 16.40
CA HIS A 148 3.96 -5.83 16.68
C HIS A 148 5.12 -4.98 17.17
N GLN A 149 5.34 -3.88 16.47
CA GLN A 149 6.47 -3.01 16.75
C GLN A 149 6.30 -2.24 18.05
N LEU A 150 5.10 -1.75 18.33
CA LEU A 150 4.91 -1.03 19.57
C LEU A 150 5.20 -1.94 20.75
N ALA A 151 4.81 -3.21 20.67
CA ALA A 151 5.17 -4.17 21.70
C ALA A 151 6.65 -4.42 21.75
N ALA A 152 7.26 -4.73 20.60
CA ALA A 152 8.68 -5.07 20.54
C ALA A 152 9.56 -3.94 21.08
N TYR A 153 9.15 -2.70 20.83
CA TYR A 153 9.94 -1.53 21.19
C TYR A 153 9.56 -0.98 22.56
N GLU A 154 8.72 -1.71 23.29
CA GLU A 154 8.35 -1.33 24.67
C GLU A 154 7.72 0.07 24.73
N LEU A 155 6.84 0.30 23.74
CA LEU A 155 6.14 1.55 23.56
C LEU A 155 4.68 1.52 23.99
N THR A 156 4.13 0.37 24.39
CA THR A 156 2.69 0.34 24.66
C THR A 156 2.26 1.16 25.88
N ASN A 157 3.16 1.42 26.80
CA ASN A 157 2.77 2.24 27.95
C ASN A 157 2.74 3.74 27.66
N THR A 158 3.37 4.18 26.58
CA THR A 158 3.49 5.60 26.24
C THR A 158 2.94 5.96 24.87
N VAL A 159 2.48 4.98 24.11
CA VAL A 159 1.97 5.21 22.75
C VAL A 159 0.67 4.43 22.56
N THR A 160 -0.35 5.12 22.07
CA THR A 160 -1.61 4.54 21.66
C THR A 160 -1.69 4.47 20.15
N HIS A 161 -2.01 3.29 19.65
CA HIS A 161 -2.27 3.11 18.23
C HIS A 161 -3.73 3.49 17.98
N ASN A 162 -3.92 4.70 17.45
CA ASN A 162 -5.26 5.18 17.12
C ASN A 162 -5.71 4.59 15.80
N GLN A 163 -6.84 3.94 15.85
CA GLN A 163 -7.41 3.21 14.75
C GLN A 163 -8.84 3.64 14.50
N GLY A 164 -9.21 3.62 13.23
CA GLY A 164 -10.55 3.97 12.82
C GLY A 164 -10.53 4.08 11.32
N ASN A 165 -10.78 5.28 10.86
CA ASN A 165 -10.73 5.62 9.45
C ASN A 165 -9.45 6.45 9.25
N TYR A 166 -8.40 5.82 8.74
CA TYR A 166 -7.10 6.46 8.60
C TYR A 166 -7.18 7.74 7.78
N ALA A 167 -7.88 7.69 6.65
CA ALA A 167 -7.95 8.84 5.80
C ALA A 167 -8.54 10.03 6.55
N ALA A 168 -9.64 9.79 7.25
CA ALA A 168 -10.29 10.85 8.01
C ALA A 168 -9.41 11.35 9.15
N MET A 169 -8.77 10.42 9.86
CA MET A 169 -7.87 10.78 10.93
C MET A 169 -6.69 11.59 10.44
N MET A 170 -6.19 11.27 9.25
CA MET A 170 -5.06 12.05 8.73
C MET A 170 -5.48 13.45 8.35
N ALA A 171 -6.72 13.65 7.92
CA ALA A 171 -7.21 15.02 7.75
C ALA A 171 -7.13 15.79 9.07
N ASP A 172 -7.51 15.14 10.19
CA ASP A 172 -7.42 15.74 11.50
C ASP A 172 -5.95 15.98 11.90
N THR A 173 -5.09 15.01 11.62
CA THR A 173 -3.68 15.18 11.91
C THR A 173 -3.05 16.35 11.16
N ILE A 174 -3.38 16.49 9.89
CA ILE A 174 -2.86 17.59 9.09
C ILE A 174 -3.40 18.90 9.60
N SER A 175 -4.65 18.93 10.01
CA SER A 175 -5.24 20.17 10.56
C SER A 175 -4.51 20.58 11.84
N ARG A 176 -4.24 19.61 12.70
CA ARG A 176 -3.46 19.83 13.91
C ARG A 176 -2.05 20.31 13.60
N TYR A 177 -1.43 19.67 12.62
CA TYR A 177 -0.11 20.07 12.17
C TYR A 177 -0.12 21.56 11.79
N LYS A 178 -1.16 21.97 11.11
CA LYS A 178 -1.24 23.35 10.62
C LYS A 178 -1.42 24.35 11.78
N GLU A 179 -1.91 23.89 12.92
CA GLU A 179 -1.99 24.70 14.16
C GLU A 179 -0.63 24.85 14.85
N GLY A 180 0.38 24.13 14.35
CA GLY A 180 1.72 24.13 14.92
C GLY A 180 1.90 23.18 16.10
N LYS A 181 0.99 22.23 16.25
CA LYS A 181 1.09 21.25 17.33
C LYS A 181 1.79 19.99 16.85
N PRO A 182 2.40 19.26 17.77
CA PRO A 182 3.16 18.08 17.38
C PRO A 182 2.26 16.97 16.87
N VAL A 183 2.70 16.25 15.84
CA VAL A 183 1.94 15.14 15.27
C VAL A 183 2.83 13.93 15.14
N PHE A 184 2.18 12.76 15.13
CA PHE A 184 2.85 11.46 15.13
C PHE A 184 1.96 10.49 14.39
N TYR A 185 2.45 9.93 13.28
CA TYR A 185 1.60 9.09 12.44
C TYR A 185 2.44 8.12 11.62
N TYR A 186 1.78 7.05 11.18
CA TYR A 186 2.32 6.09 10.22
C TYR A 186 1.75 6.49 8.88
N THR A 187 2.54 6.35 7.84
CA THR A 187 2.06 6.43 6.48
C THR A 187 2.86 5.55 5.55
N TRP A 188 2.40 5.48 4.30
CA TRP A 188 3.07 4.73 3.27
C TRP A 188 3.07 5.56 2.00
N THR A 189 3.94 5.19 1.08
CA THR A 189 3.80 5.64 -0.29
C THR A 189 3.58 4.39 -1.12
N PRO A 190 2.83 4.46 -2.22
CA PRO A 190 2.18 5.67 -2.68
C PRO A 190 0.89 5.97 -1.94
N TYR A 191 0.65 7.24 -1.63
CA TYR A 191 -0.60 7.71 -1.03
C TYR A 191 -0.58 9.23 -1.06
N TRP A 192 -1.68 9.88 -0.73
CA TRP A 192 -1.74 11.35 -0.82
C TRP A 192 -1.05 12.08 0.33
N VAL A 193 -0.89 11.42 1.47
CA VAL A 193 -0.35 12.06 2.65
C VAL A 193 1.01 12.67 2.44
N SER A 194 1.91 11.97 1.76
CA SER A 194 3.27 12.46 1.58
C SER A 194 3.36 13.70 0.68
N ASN A 195 2.30 13.98 -0.10
CA ASN A 195 2.20 15.24 -0.84
C ASN A 195 1.86 16.44 0.04
N GLU A 196 1.16 16.18 1.15
CA GLU A 196 0.76 17.20 2.10
C GLU A 196 1.73 17.40 3.26
N LEU A 197 2.42 16.33 3.66
CA LEU A 197 3.41 16.36 4.73
C LEU A 197 4.69 15.76 4.21
N LYS A 198 5.62 16.63 3.83
CA LYS A 198 6.83 16.21 3.12
C LYS A 198 7.98 16.06 4.07
N PRO A 199 8.65 14.91 4.07
CA PRO A 199 9.88 14.73 4.84
C PRO A 199 10.94 15.78 4.50
N GLY A 200 11.54 16.36 5.52
CA GLY A 200 12.56 17.40 5.34
C GLY A 200 12.02 18.82 5.27
N LYS A 201 10.69 18.95 5.25
CA LYS A 201 10.01 20.23 5.22
C LYS A 201 9.03 20.29 6.36
N ASP A 202 8.03 19.40 6.34
CA ASP A 202 6.98 19.37 7.36
C ASP A 202 7.26 18.37 8.46
N VAL A 203 7.83 17.24 8.08
CA VAL A 203 7.92 16.08 8.95
C VAL A 203 9.26 15.40 8.75
N VAL A 204 9.60 14.47 9.63
CA VAL A 204 10.75 13.60 9.45
C VAL A 204 10.38 12.15 9.73
N TRP A 205 11.06 11.22 9.06
CA TRP A 205 10.89 9.82 9.40
C TRP A 205 11.68 9.54 10.67
N LEU A 206 11.11 8.73 11.55
CA LEU A 206 11.81 8.19 12.71
C LEU A 206 12.45 6.82 12.39
N GLN A 207 13.61 6.58 12.99
CA GLN A 207 14.20 5.27 12.96
C GLN A 207 13.63 4.44 14.09
N VAL A 208 13.96 3.18 14.08
CA VAL A 208 13.51 2.18 15.06
C VAL A 208 14.79 1.61 15.68
N PRO A 209 14.65 1.02 16.88
CA PRO A 209 15.86 0.52 17.56
C PRO A 209 16.40 -0.81 17.07
N PHE A 210 15.56 -1.61 16.45
CA PHE A 210 16.01 -2.85 15.82
C PHE A 210 14.87 -3.34 14.93
N SER A 211 15.15 -4.35 14.12
CA SER A 211 14.15 -4.88 13.20
C SER A 211 13.14 -5.74 13.91
N ALA A 212 11.87 -5.56 13.53
CA ALA A 212 10.80 -6.34 14.13
C ALA A 212 9.55 -6.31 13.22
N LEU A 213 9.20 -7.46 12.66
CA LEU A 213 7.99 -7.58 11.86
C LEU A 213 7.27 -8.87 12.22
N PRO A 214 5.94 -8.83 12.23
CA PRO A 214 5.15 -10.00 12.60
C PRO A 214 5.28 -11.12 11.58
N GLY A 215 5.45 -12.31 12.11
CA GLY A 215 5.51 -13.52 11.29
C GLY A 215 6.86 -13.82 10.69
N ASP A 216 7.87 -12.97 10.89
CA ASP A 216 9.21 -13.20 10.33
C ASP A 216 10.24 -12.84 11.38
N LYS A 217 10.55 -13.81 12.23
CA LYS A 217 11.47 -13.57 13.35
C LYS A 217 12.86 -13.11 12.89
N ASN A 218 13.23 -13.43 11.66
CA ASN A 218 14.51 -13.03 11.10
C ASN A 218 14.46 -11.86 10.13
N ALA A 219 13.39 -11.08 10.17
CA ALA A 219 13.31 -9.87 9.37
C ALA A 219 14.49 -8.97 9.65
N ASP A 220 15.05 -8.41 8.59
CA ASP A 220 16.14 -7.45 8.71
C ASP A 220 15.85 -6.26 7.83
N THR A 221 15.41 -5.16 8.43
CA THR A 221 15.06 -3.96 7.68
C THR A 221 16.17 -2.91 7.75
N LYS A 222 17.38 -3.29 8.21
CA LYS A 222 18.50 -2.31 8.32
C LYS A 222 19.10 -1.98 6.95
N LEU A 223 19.45 -0.72 6.76
CA LEU A 223 20.13 -0.30 5.54
C LEU A 223 21.60 -0.69 5.70
N PRO A 224 22.34 -0.73 4.62
CA PRO A 224 23.77 -1.11 4.70
C PRO A 224 24.60 -0.29 5.71
N ASN A 225 24.21 0.95 5.96
CA ASN A 225 24.91 1.79 6.93
C ASN A 225 24.45 1.65 8.39
N GLY A 226 23.52 0.73 8.65
CA GLY A 226 23.02 0.50 9.99
C GLY A 226 21.75 1.26 10.36
N ALA A 227 21.33 2.20 9.50
CA ALA A 227 20.06 2.88 9.75
C ALA A 227 18.90 1.90 9.60
N ASN A 228 17.79 2.20 10.27
CA ASN A 228 16.63 1.31 10.24
C ASN A 228 15.35 2.10 10.48
N TYR A 229 14.45 2.05 9.51
CA TYR A 229 13.18 2.79 9.59
C TYR A 229 12.00 1.88 9.91
N GLY A 230 12.29 0.60 10.12
CA GLY A 230 11.31 -0.36 10.57
C GLY A 230 10.65 -1.21 9.48
N PHE A 231 10.83 -0.82 8.24
CA PHE A 231 10.18 -1.49 7.11
C PHE A 231 11.17 -1.52 5.96
N PRO A 232 11.10 -2.55 5.14
CA PRO A 232 11.97 -2.63 3.98
C PRO A 232 11.45 -1.73 2.87
N VAL A 233 12.23 -1.59 1.80
CA VAL A 233 11.68 -1.10 0.55
C VAL A 233 10.56 -2.10 0.21
N SER A 234 9.36 -1.57 0.02
CA SER A 234 8.17 -2.39 -0.06
C SER A 234 7.68 -2.46 -1.51
N THR A 235 6.90 -3.48 -1.83
CA THR A 235 6.41 -3.67 -3.20
C THR A 235 4.93 -4.07 -3.23
N MET A 236 4.29 -3.83 -4.36
CA MET A 236 3.00 -4.45 -4.63
C MET A 236 3.08 -5.36 -5.84
N HIS A 237 2.39 -6.49 -5.73
CA HIS A 237 2.28 -7.46 -6.80
C HIS A 237 0.85 -7.65 -7.28
N ILE A 238 0.74 -8.13 -8.50
CA ILE A 238 -0.51 -8.70 -8.96
C ILE A 238 -0.56 -10.16 -8.50
N VAL A 239 -1.68 -10.51 -7.87
CA VAL A 239 -1.94 -11.86 -7.43
C VAL A 239 -3.24 -12.31 -8.06
N ALA A 240 -3.23 -13.51 -8.61
CA ALA A 240 -4.40 -14.09 -9.22
C ALA A 240 -4.74 -15.47 -8.64
N ASN A 241 -5.99 -15.88 -8.82
CA ASN A 241 -6.33 -17.25 -8.50
C ASN A 241 -5.43 -18.12 -9.35
N LYS A 242 -4.83 -19.14 -8.72
CA LYS A 242 -3.80 -19.92 -9.42
C LYS A 242 -4.38 -20.72 -10.57
N ALA A 243 -5.51 -21.39 -10.36
CA ALA A 243 -6.12 -22.19 -11.41
C ALA A 243 -6.55 -21.31 -12.59
N TRP A 244 -7.11 -20.14 -12.32
CA TRP A 244 -7.52 -19.22 -13.36
C TRP A 244 -6.29 -18.78 -14.19
N ALA A 245 -5.20 -18.42 -13.53
CA ALA A 245 -3.97 -18.02 -14.24
C ALA A 245 -3.44 -19.17 -15.13
N GLU A 246 -3.53 -20.41 -14.65
CA GLU A 246 -3.10 -21.58 -15.42
C GLU A 246 -3.96 -21.79 -16.67
N LYS A 247 -5.23 -21.40 -16.62
CA LYS A 247 -6.14 -21.54 -17.74
C LYS A 247 -6.11 -20.34 -18.70
N ASN A 248 -5.42 -19.27 -18.27
CA ASN A 248 -5.37 -18.01 -19.01
C ASN A 248 -3.94 -17.50 -19.20
N PRO A 249 -3.15 -18.21 -19.98
CA PRO A 249 -1.72 -17.90 -20.07
C PRO A 249 -1.40 -16.49 -20.58
N ALA A 250 -2.25 -15.89 -21.40
CA ALA A 250 -1.99 -14.54 -21.88
C ALA A 250 -2.13 -13.60 -20.68
N ALA A 251 -3.17 -13.80 -19.88
CA ALA A 251 -3.33 -12.95 -18.69
C ALA A 251 -2.20 -13.19 -17.70
N ALA A 252 -1.76 -14.44 -17.52
CA ALA A 252 -0.68 -14.74 -16.60
C ALA A 252 0.59 -14.01 -17.01
N LYS A 253 0.90 -14.00 -18.30
CA LYS A 253 2.09 -13.33 -18.81
C LYS A 253 1.96 -11.83 -18.53
N LEU A 254 0.79 -11.29 -18.81
CA LEU A 254 0.54 -9.89 -18.57
C LEU A 254 0.81 -9.52 -17.13
N PHE A 255 0.28 -10.32 -16.21
CA PHE A 255 0.41 -10.06 -14.79
C PHE A 255 1.88 -10.06 -14.38
N ALA A 256 2.69 -10.90 -15.02
CA ALA A 256 4.10 -11.01 -14.66
C ALA A 256 4.91 -9.81 -15.10
N ILE A 257 4.49 -9.15 -16.18
CA ILE A 257 5.33 -8.11 -16.79
C ILE A 257 4.88 -6.66 -16.55
N MET A 258 3.65 -6.45 -16.10
CA MET A 258 3.21 -5.08 -15.87
C MET A 258 4.00 -4.44 -14.74
N GLN A 259 4.32 -3.16 -14.90
CA GLN A 259 5.02 -2.38 -13.88
C GLN A 259 4.48 -0.97 -13.96
N LEU A 260 4.21 -0.39 -12.81
CA LEU A 260 3.68 0.96 -12.71
C LEU A 260 4.55 1.71 -11.71
N PRO A 261 5.17 2.81 -12.12
CA PRO A 261 6.01 3.56 -11.18
C PRO A 261 5.27 4.10 -9.98
N VAL A 262 5.89 3.98 -8.82
CA VAL A 262 5.27 4.43 -7.58
C VAL A 262 5.04 5.94 -7.64
N ALA A 263 5.93 6.68 -8.30
CA ALA A 263 5.69 8.10 -8.49
C ALA A 263 4.41 8.44 -9.23
N ASP A 264 4.05 7.62 -10.20
CA ASP A 264 2.82 7.86 -10.96
C ASP A 264 1.57 7.65 -10.12
N ILE A 265 1.62 6.70 -9.20
CA ILE A 265 0.49 6.44 -8.32
C ILE A 265 0.43 7.59 -7.31
N ASN A 266 1.58 7.99 -6.81
CA ASN A 266 1.65 9.15 -5.90
C ASN A 266 1.00 10.37 -6.54
N ALA A 267 1.33 10.62 -7.81
CA ALA A 267 0.82 11.80 -8.50
C ALA A 267 -0.67 11.69 -8.72
N GLN A 268 -1.15 10.50 -9.10
CA GLN A 268 -2.57 10.30 -9.30
C GLN A 268 -3.32 10.47 -7.98
N ASN A 269 -2.75 9.92 -6.91
CA ASN A 269 -3.39 9.96 -5.61
C ASN A 269 -3.50 11.42 -5.10
N ALA A 270 -2.49 12.24 -5.42
CA ALA A 270 -2.54 13.66 -5.08
C ALA A 270 -3.62 14.38 -5.86
N ILE A 271 -3.76 14.05 -7.14
CA ILE A 271 -4.81 14.69 -7.97
C ILE A 271 -6.17 14.37 -7.41
N MET A 272 -6.36 13.12 -6.97
CA MET A 272 -7.60 12.75 -6.31
C MET A 272 -7.82 13.62 -5.10
N HIS A 273 -6.81 13.74 -4.26
CA HIS A 273 -6.95 14.39 -2.97
C HIS A 273 -7.25 15.87 -3.18
N ASP A 274 -6.75 16.41 -4.29
CA ASP A 274 -6.87 17.83 -4.61
C ASP A 274 -8.25 18.16 -5.14
N GLY A 275 -9.03 17.15 -5.53
CA GLY A 275 -10.44 17.33 -5.87
C GLY A 275 -11.02 16.48 -6.99
N LYS A 276 -10.19 15.69 -7.67
CA LYS A 276 -10.67 14.93 -8.82
C LYS A 276 -10.60 13.42 -8.53
N ALA A 277 -11.61 12.92 -7.82
CA ALA A 277 -11.58 11.58 -7.25
C ALA A 277 -12.79 10.74 -7.64
N SER A 278 -13.55 11.21 -8.63
CA SER A 278 -14.73 10.49 -9.08
C SER A 278 -14.33 9.27 -9.90
N GLU A 279 -15.24 8.31 -10.02
CA GLU A 279 -15.02 7.14 -10.86
C GLU A 279 -14.56 7.54 -12.28
N GLY A 280 -15.23 8.53 -12.87
CA GLY A 280 -14.87 9.01 -14.19
C GLY A 280 -13.52 9.70 -14.22
N ASP A 281 -13.21 10.46 -13.18
CA ASP A 281 -11.92 11.11 -13.05
C ASP A 281 -10.80 10.07 -13.10
N ILE A 282 -10.98 9.01 -12.32
CA ILE A 282 -9.91 8.02 -12.16
C ILE A 282 -9.77 7.25 -13.44
N GLN A 283 -10.89 6.95 -14.09
CA GLN A 283 -10.82 6.32 -15.39
C GLN A 283 -10.02 7.17 -16.38
N GLY A 284 -10.25 8.49 -16.35
CA GLY A 284 -9.45 9.40 -17.13
C GLY A 284 -7.95 9.37 -16.84
N HIS A 285 -7.61 9.19 -15.56
CA HIS A 285 -6.22 9.16 -15.15
C HIS A 285 -5.57 7.91 -15.74
N VAL A 286 -6.30 6.80 -15.72
CA VAL A 286 -5.77 5.55 -16.26
C VAL A 286 -5.55 5.76 -17.76
N ASP A 287 -6.54 6.32 -18.44
CA ASP A 287 -6.42 6.49 -19.87
C ASP A 287 -5.28 7.48 -20.23
N GLY A 288 -5.07 8.51 -19.43
CA GLY A 288 -3.96 9.42 -19.62
C GLY A 288 -2.62 8.79 -19.40
N TRP A 289 -2.52 7.92 -18.39
CA TRP A 289 -1.26 7.22 -18.14
C TRP A 289 -0.93 6.36 -19.35
N ILE A 290 -1.93 5.65 -19.86
CA ILE A 290 -1.69 4.76 -21.00
C ILE A 290 -1.18 5.57 -22.20
N LYS A 291 -1.82 6.68 -22.47
CA LYS A 291 -1.42 7.54 -23.59
C LYS A 291 0.02 7.99 -23.44
N ALA A 292 0.40 8.38 -22.24
CA ALA A 292 1.76 8.85 -21.96
C ALA A 292 2.82 7.74 -21.95
N HIS A 293 2.37 6.49 -21.89
CA HIS A 293 3.25 5.33 -21.83
C HIS A 293 2.80 4.29 -22.83
N GLN A 294 2.38 4.74 -24.00
CA GLN A 294 1.68 3.88 -24.95
C GLN A 294 2.53 2.75 -25.46
N GLN A 295 3.78 3.03 -25.80
CA GLN A 295 4.67 1.98 -26.31
C GLN A 295 4.83 0.89 -25.26
N GLN A 296 5.03 1.29 -24.02
CA GLN A 296 5.22 0.33 -22.93
C GLN A 296 3.97 -0.53 -22.70
N PHE A 297 2.83 0.12 -22.61
CA PHE A 297 1.55 -0.56 -22.46
C PHE A 297 1.29 -1.54 -23.61
N ASP A 298 1.49 -1.06 -24.85
CA ASP A 298 1.29 -1.91 -26.01
C ASP A 298 2.23 -3.10 -25.98
N GLY A 299 3.44 -2.88 -25.51
CA GLY A 299 4.39 -3.96 -25.36
C GLY A 299 3.93 -5.04 -24.41
N TRP A 300 3.34 -4.65 -23.29
CA TRP A 300 2.75 -5.62 -22.36
C TRP A 300 1.70 -6.44 -23.07
N VAL A 301 0.81 -5.77 -23.79
CA VAL A 301 -0.28 -6.43 -24.46
C VAL A 301 0.23 -7.40 -25.51
N ASN A 302 1.18 -6.94 -26.30
CA ASN A 302 1.72 -7.74 -27.37
C ASN A 302 2.53 -8.94 -26.85
N GLU A 303 3.26 -8.78 -25.75
CA GLU A 303 3.99 -9.92 -25.18
C GLU A 303 2.98 -10.89 -24.59
N ALA A 304 1.96 -10.38 -23.93
CA ALA A 304 0.93 -11.25 -23.38
C ALA A 304 0.20 -12.05 -24.45
N LEU A 305 -0.20 -11.39 -25.53
CA LEU A 305 -0.88 -12.06 -26.64
C LEU A 305 0.02 -13.11 -27.29
N ALA A 306 1.34 -12.93 -27.20
CA ALA A 306 2.27 -13.86 -27.82
C ALA A 306 2.61 -15.05 -26.93
N ALA A 307 2.08 -15.11 -25.72
CA ALA A 307 2.29 -16.28 -24.87
C ALA A 307 1.78 -17.51 -25.59
N GLN A 308 2.24 -18.66 -25.14
CA GLN A 308 1.67 -19.91 -25.63
C GLN A 308 0.24 -20.01 -25.10
N LYS A 309 -0.72 -19.65 -25.95
CA LYS A 309 -2.13 -19.55 -25.54
C LYS A 309 -3.06 -20.17 -26.55
UNK UNX B . -3.03 10.30 24.22
N BET C . -1.90 -0.15 3.08
CA BET C . -1.96 -1.63 2.97
C BET C . -1.99 -2.45 4.22
O BET C . -2.41 -3.60 4.14
OXT BET C . -1.60 -1.95 5.34
C1 BET C . -2.18 0.38 1.73
C2 BET C . -2.91 0.37 4.02
C3 BET C . -0.53 0.23 3.48
#